data_2O7I
#
_entry.id   2O7I
#
_cell.length_a   107.030
_cell.length_b   107.030
_cell.length_c   118.190
_cell.angle_alpha   90.000
_cell.angle_beta   90.000
_cell.angle_gamma   90.000
#
_symmetry.space_group_name_H-M   'P 41 21 2'
#
loop_
_entity.id
_entity.type
_entity.pdbx_description
1 polymer 'Oligopeptide ABC transporter, periplasmic oligopeptide-binding protein'
2 branched beta-D-glucopyranose-(1-4)-beta-D-glucopyranose
3 water water
#
_entity_poly.entity_id   1
_entity_poly.type   'polypeptide(L)'
_entity_poly.pdbx_seq_one_letter_code
;MQVSLPREDTVYIGGALWGPATTWNLYAPQSTWGTDQFMYLPAFQYDLGRDAWIPVIAERYEFVDDKTLRIYIRPEARWS
DGVPITADDFVYALELTKELGIGPGGGWDTYIEYVKAVDTKVVEFKAKEENLNYFQFLSYSLGAQPMPKHVYERIRAQMN
IKDWINDKPEEQVVSGPYKLYYYDPNIVVYQRVDDWWGKDIFGLPRPKYLAHVIYKDNPSASLAFERGDIDWNGLFIPSV
WELWEKKGLPVGTWYKKEPYFIPDGVGFVYVNNTKPGLSDPAVRKAIAYAIPYNEMLKKAYFGYGSQAHPSMVIDLFEPY
KQYIDYELAKKTFGTEDGRIPFDLDMANKILDEAGYKKGPDGVRVGPDGTKLGPYTISVPYGWTDWMMMCEMIAKNLRSI
GIDVKTEFPDFSVWADRMTKGTFDLIISWSVGPSFDHPFNIYRFVLDKRLSKPVGEVTWAGDWERYDNDEVVELLDKAVS
TLDPEVRKQAYFRIQQIIYRDMPSIPAFYTAHWYEYSTKYWINWPSEDNPAWFRPSPWHADAWPTLFIISKKSDPQPVPS
WLGTVDEGGIEIPTAKIFEDLQKATMHHHHHH
;
_entity_poly.pdbx_strand_id   A
#
# COMPACT_ATOMS: atom_id res chain seq x y z
N SER A 4 4.92 20.04 -24.39
CA SER A 4 4.06 20.70 -25.42
C SER A 4 2.60 20.28 -25.26
N LEU A 5 2.25 19.87 -24.04
CA LEU A 5 0.91 19.41 -23.71
C LEU A 5 -0.03 20.59 -23.47
N PRO A 6 -1.32 20.43 -23.81
CA PRO A 6 -2.29 21.47 -23.53
C PRO A 6 -2.55 21.59 -22.03
N ARG A 7 -2.21 22.74 -21.45
CA ARG A 7 -2.21 22.90 -19.99
C ARG A 7 -3.56 22.66 -19.35
N GLU A 8 -4.62 23.19 -19.96
CA GLU A 8 -5.97 23.10 -19.39
C GLU A 8 -6.55 21.68 -19.46
N ASP A 9 -5.94 20.82 -20.29
CA ASP A 9 -6.37 19.42 -20.43
C ASP A 9 -5.37 18.44 -19.82
N THR A 10 -4.46 18.95 -18.99
CA THR A 10 -3.42 18.13 -18.38
C THR A 10 -3.45 18.31 -16.87
N VAL A 11 -3.45 17.20 -16.14
CA VAL A 11 -3.21 17.23 -14.70
C VAL A 11 -1.74 16.86 -14.48
N TYR A 12 -0.99 17.81 -13.93
CA TYR A 12 0.39 17.58 -13.50
C TYR A 12 0.42 17.04 -12.08
N ILE A 13 1.26 16.05 -11.87
CA ILE A 13 1.28 15.28 -10.64
C ILE A 13 2.68 15.33 -9.99
N GLY A 14 2.70 15.29 -8.67
CA GLY A 14 3.95 15.22 -7.90
C GLY A 14 3.85 14.19 -6.79
N GLY A 15 5.01 13.74 -6.32
CA GLY A 15 5.09 12.88 -5.15
C GLY A 15 4.71 11.42 -5.36
N ALA A 16 4.50 11.00 -6.60
CA ALA A 16 4.10 9.62 -6.89
C ALA A 16 5.20 8.81 -7.58
N LEU A 17 5.82 9.42 -8.58
CA LEU A 17 6.91 8.81 -9.32
C LEU A 17 8.24 9.36 -8.84
N TRP A 18 9.07 8.46 -8.32
CA TRP A 18 10.40 8.77 -7.84
C TRP A 18 11.39 7.85 -8.54
N GLY A 19 12.49 8.42 -9.02
CA GLY A 19 13.44 7.68 -9.84
C GLY A 19 12.89 7.49 -11.24
N PRO A 20 13.63 6.74 -12.07
CA PRO A 20 13.27 6.61 -13.48
C PRO A 20 12.06 5.73 -13.73
N ALA A 21 11.38 5.96 -14.86
CA ALA A 21 10.44 4.98 -15.37
C ALA A 21 11.19 3.67 -15.58
N THR A 22 10.50 2.55 -15.31
CA THR A 22 11.09 1.23 -15.43
C THR A 22 10.35 0.42 -16.50
N THR A 23 9.15 -0.05 -16.17
CA THR A 23 8.30 -0.81 -17.08
C THR A 23 6.84 -0.42 -16.86
N TRP A 24 5.97 -0.97 -17.71
CA TRP A 24 4.53 -0.91 -17.51
C TRP A 24 3.99 -2.33 -17.45
N ASN A 25 4.74 -3.17 -16.73
CA ASN A 25 4.51 -4.60 -16.68
C ASN A 25 4.46 -5.03 -15.22
N LEU A 26 3.26 -5.37 -14.75
CA LEU A 26 3.04 -5.71 -13.35
C LEU A 26 3.72 -7.04 -12.92
N TYR A 27 4.23 -7.80 -13.89
CA TYR A 27 4.96 -9.02 -13.60
C TYR A 27 6.49 -8.81 -13.58
N ALA A 28 6.92 -7.60 -13.94
CA ALA A 28 8.33 -7.23 -13.87
C ALA A 28 8.70 -6.90 -12.43
N PRO A 29 10.00 -6.99 -12.09
CA PRO A 29 10.38 -6.68 -10.70
C PRO A 29 10.05 -5.25 -10.27
N GLN A 30 10.03 -4.32 -11.21
CA GLN A 30 9.57 -2.96 -10.97
C GLN A 30 8.75 -2.43 -12.15
N SER A 31 7.69 -1.71 -11.81
CA SER A 31 6.87 -1.05 -12.82
C SER A 31 6.65 0.39 -12.38
N THR A 32 6.21 1.20 -13.33
CA THR A 32 6.18 2.63 -13.20
C THR A 32 4.85 3.08 -12.61
N TRP A 33 4.92 4.03 -11.69
CA TRP A 33 3.72 4.65 -11.15
C TRP A 33 2.75 4.94 -12.30
N GLY A 34 1.48 4.61 -12.09
CA GLY A 34 0.43 4.78 -13.08
C GLY A 34 -0.03 3.46 -13.68
N THR A 35 0.86 2.47 -13.72
CA THR A 35 0.57 1.18 -14.35
C THR A 35 -0.61 0.49 -13.66
N ASP A 36 -0.47 0.23 -12.37
CA ASP A 36 -1.56 -0.41 -11.64
C ASP A 36 -2.71 0.56 -11.38
N GLN A 37 -2.40 1.81 -11.06
CA GLN A 37 -3.43 2.77 -10.69
C GLN A 37 -4.45 2.99 -11.81
N PHE A 38 -3.98 3.17 -13.04
CA PHE A 38 -4.84 3.66 -14.13
C PHE A 38 -4.98 2.73 -15.32
N MET A 39 -4.06 1.79 -15.52
CA MET A 39 -4.07 0.97 -16.73
C MET A 39 -4.81 -0.36 -16.59
N TYR A 40 -4.80 -0.94 -15.38
CA TYR A 40 -5.38 -2.26 -15.16
C TYR A 40 -6.36 -2.19 -13.99
N LEU A 41 -7.65 -2.27 -14.28
CA LEU A 41 -8.70 -2.15 -13.29
C LEU A 41 -9.11 -3.52 -12.73
N PRO A 42 -9.76 -3.55 -11.56
CA PRO A 42 -10.25 -4.78 -10.95
C PRO A 42 -11.71 -5.13 -11.32
N ALA A 43 -12.12 -6.34 -10.98
CA ALA A 43 -13.53 -6.75 -11.04
C ALA A 43 -14.44 -5.78 -10.26
N PHE A 44 -14.14 -5.66 -8.96
CA PHE A 44 -14.78 -4.69 -8.08
C PHE A 44 -13.70 -3.81 -7.47
N GLN A 45 -13.98 -2.50 -7.41
CA GLN A 45 -13.09 -1.54 -6.74
C GLN A 45 -13.61 -1.25 -5.34
N TYR A 46 -12.83 -1.62 -4.33
CA TYR A 46 -13.18 -1.30 -2.95
C TYR A 46 -13.13 0.21 -2.72
N ASP A 47 -14.17 0.71 -2.05
CA ASP A 47 -14.33 2.11 -1.69
C ASP A 47 -14.26 2.20 -0.15
N LEU A 48 -13.07 2.49 0.37
CA LEU A 48 -12.86 2.60 1.81
C LEU A 48 -13.76 3.67 2.46
N GLY A 49 -13.94 4.80 1.78
CA GLY A 49 -14.76 5.90 2.31
C GLY A 49 -16.19 5.51 2.60
N ARG A 50 -16.76 4.65 1.76
CA ARG A 50 -18.16 4.23 1.90
C ARG A 50 -18.29 2.78 2.40
N ASP A 51 -17.18 2.10 2.59
CA ASP A 51 -17.16 0.66 2.87
C ASP A 51 -18.10 -0.07 1.92
N ALA A 52 -17.80 0.09 0.63
CA ALA A 52 -18.63 -0.47 -0.42
C ALA A 52 -17.74 -0.84 -1.60
N TRP A 53 -18.33 -1.51 -2.59
CA TRP A 53 -17.59 -2.05 -3.71
C TRP A 53 -18.22 -1.58 -5.01
N ILE A 54 -17.42 -0.94 -5.86
CA ILE A 54 -17.88 -0.52 -7.19
C ILE A 54 -17.73 -1.70 -8.14
N PRO A 55 -18.84 -2.15 -8.77
CA PRO A 55 -18.69 -3.15 -9.82
C PRO A 55 -18.08 -2.47 -11.04
N VAL A 56 -16.83 -2.80 -11.34
CA VAL A 56 -16.10 -2.16 -12.43
C VAL A 56 -16.09 -3.08 -13.66
N ILE A 57 -15.11 -3.95 -13.79
CA ILE A 57 -15.11 -4.95 -14.89
C ILE A 57 -16.24 -5.96 -14.68
N ALA A 58 -16.54 -6.23 -13.41
CA ALA A 58 -17.67 -7.06 -13.03
C ALA A 58 -18.96 -6.25 -13.03
N GLU A 59 -20.02 -6.92 -13.42
CA GLU A 59 -21.37 -6.42 -13.38
C GLU A 59 -22.06 -6.80 -12.06
N ARG A 60 -21.75 -8.01 -11.58
CA ARG A 60 -22.51 -8.64 -10.51
C ARG A 60 -21.70 -9.81 -9.90
N TYR A 61 -21.93 -10.09 -8.62
CA TYR A 61 -21.43 -11.34 -8.00
C TYR A 61 -22.64 -12.15 -7.55
N GLU A 62 -22.43 -13.44 -7.35
CA GLU A 62 -23.42 -14.33 -6.78
C GLU A 62 -22.75 -15.44 -5.98
N PHE A 63 -23.12 -15.56 -4.70
CA PHE A 63 -22.71 -16.69 -3.89
C PHE A 63 -23.59 -17.89 -4.21
N VAL A 64 -22.99 -18.91 -4.81
CA VAL A 64 -23.69 -20.20 -5.02
C VAL A 64 -23.84 -20.88 -3.66
N ASP A 65 -22.78 -20.82 -2.86
CA ASP A 65 -22.86 -21.11 -1.43
C ASP A 65 -21.81 -20.23 -0.76
N ASP A 66 -21.59 -20.40 0.54
CA ASP A 66 -20.66 -19.54 1.28
C ASP A 66 -19.20 -19.68 0.84
N LYS A 67 -18.88 -20.72 0.06
CA LYS A 67 -17.51 -20.97 -0.41
C LYS A 67 -17.37 -20.94 -1.94
N THR A 68 -18.41 -20.49 -2.65
CA THR A 68 -18.40 -20.50 -4.11
C THR A 68 -18.99 -19.20 -4.63
N LEU A 69 -18.16 -18.43 -5.32
CA LEU A 69 -18.53 -17.09 -5.74
C LEU A 69 -18.41 -16.97 -7.25
N ARG A 70 -19.52 -16.64 -7.91
CA ARG A 70 -19.51 -16.41 -9.36
C ARG A 70 -19.47 -14.91 -9.63
N ILE A 71 -18.62 -14.51 -10.57
CA ILE A 71 -18.48 -13.12 -10.94
C ILE A 71 -18.82 -12.98 -12.41
N TYR A 72 -19.83 -12.16 -12.68
CA TYR A 72 -20.36 -11.92 -14.01
C TYR A 72 -19.73 -10.67 -14.58
N ILE A 73 -18.94 -10.87 -15.64
CA ILE A 73 -18.16 -9.82 -16.29
C ILE A 73 -19.07 -9.02 -17.20
N ARG A 74 -18.96 -7.70 -17.17
CA ARG A 74 -19.78 -6.85 -18.04
C ARG A 74 -19.54 -7.22 -19.50
N PRO A 75 -20.63 -7.29 -20.29
CA PRO A 75 -20.45 -7.46 -21.73
C PRO A 75 -19.58 -6.37 -22.36
N GLU A 76 -19.65 -5.16 -21.81
CA GLU A 76 -18.90 -4.01 -22.32
C GLU A 76 -17.40 -4.12 -22.03
N ALA A 77 -17.02 -4.87 -21.00
CA ALA A 77 -15.62 -4.92 -20.58
C ALA A 77 -14.74 -5.47 -21.70
N ARG A 78 -13.83 -4.63 -22.18
CA ARG A 78 -13.08 -4.89 -23.39
C ARG A 78 -11.72 -4.24 -23.30
N TRP A 79 -10.68 -5.00 -23.65
CA TRP A 79 -9.33 -4.46 -23.71
C TRP A 79 -9.26 -3.34 -24.74
N SER A 80 -8.31 -2.44 -24.58
CA SER A 80 -8.16 -1.29 -25.47
C SER A 80 -7.84 -1.65 -26.93
N ASP A 81 -7.38 -2.87 -27.20
CA ASP A 81 -7.20 -3.33 -28.59
C ASP A 81 -8.47 -3.91 -29.21
N GLY A 82 -9.56 -3.95 -28.46
CA GLY A 82 -10.83 -4.44 -28.96
C GLY A 82 -11.20 -5.85 -28.51
N VAL A 83 -10.23 -6.58 -27.96
CA VAL A 83 -10.47 -7.95 -27.51
C VAL A 83 -11.28 -7.94 -26.21
N PRO A 84 -12.41 -8.66 -26.17
CA PRO A 84 -13.18 -8.74 -24.92
C PRO A 84 -12.35 -9.12 -23.70
N ILE A 85 -12.70 -8.56 -22.54
CA ILE A 85 -12.19 -9.06 -21.27
C ILE A 85 -13.05 -10.26 -20.90
N THR A 86 -12.41 -11.41 -20.73
CA THR A 86 -13.12 -12.67 -20.52
C THR A 86 -12.68 -13.34 -19.22
N ALA A 87 -13.38 -14.38 -18.83
CA ALA A 87 -13.03 -15.13 -17.63
C ALA A 87 -11.63 -15.72 -17.74
N ASP A 88 -11.21 -16.12 -18.96
CA ASP A 88 -9.84 -16.59 -19.19
C ASP A 88 -8.78 -15.59 -18.72
N ASP A 89 -9.07 -14.30 -18.83
CA ASP A 89 -8.11 -13.27 -18.44
C ASP A 89 -7.93 -13.22 -16.92
N PHE A 90 -9.01 -13.51 -16.19
CA PHE A 90 -8.96 -13.61 -14.73
C PHE A 90 -8.17 -14.84 -14.28
N VAL A 91 -8.51 -15.99 -14.85
CA VAL A 91 -7.75 -17.22 -14.59
C VAL A 91 -6.27 -17.06 -14.91
N TYR A 92 -5.96 -16.51 -16.09
CA TYR A 92 -4.58 -16.35 -16.54
C TYR A 92 -3.75 -15.47 -15.61
N ALA A 93 -4.31 -14.33 -15.23
CA ALA A 93 -3.58 -13.38 -14.38
C ALA A 93 -3.11 -14.05 -13.08
N LEU A 94 -4.02 -14.75 -12.43
CA LEU A 94 -3.71 -15.40 -11.16
C LEU A 94 -2.78 -16.61 -11.33
N GLU A 95 -2.98 -17.39 -12.38
CA GLU A 95 -2.13 -18.56 -12.60
C GLU A 95 -0.72 -18.10 -12.94
N LEU A 96 -0.60 -16.98 -13.67
CA LEU A 96 0.72 -16.44 -14.02
C LEU A 96 1.43 -15.91 -12.77
N THR A 97 0.70 -15.26 -11.88
CA THR A 97 1.26 -14.77 -10.62
C THR A 97 1.79 -15.95 -9.78
N LYS A 98 1.02 -17.02 -9.70
CA LYS A 98 1.45 -18.24 -9.02
C LYS A 98 2.72 -18.82 -9.67
N GLU A 99 2.72 -18.94 -10.99
CA GLU A 99 3.87 -19.52 -11.71
C GLU A 99 5.14 -18.69 -11.56
N LEU A 100 5.04 -17.39 -11.80
CA LEU A 100 6.21 -16.50 -11.78
C LEU A 100 6.64 -16.06 -10.39
N GLY A 101 5.79 -16.27 -9.38
CA GLY A 101 6.11 -15.86 -8.01
C GLY A 101 6.09 -14.36 -7.81
N ILE A 102 5.39 -13.65 -8.69
CA ILE A 102 5.29 -12.20 -8.64
C ILE A 102 4.09 -11.79 -9.51
N GLY A 103 3.48 -10.66 -9.22
CA GLY A 103 2.37 -10.12 -10.02
C GLY A 103 1.10 -9.89 -9.21
N PRO A 104 0.05 -9.37 -9.86
CA PRO A 104 -1.21 -9.08 -9.17
C PRO A 104 -1.85 -10.31 -8.50
N GLY A 105 -2.34 -10.13 -7.28
CA GLY A 105 -3.07 -11.18 -6.57
C GLY A 105 -2.19 -12.18 -5.85
N GLY A 106 -0.97 -11.76 -5.51
CA GLY A 106 -0.04 -12.64 -4.82
C GLY A 106 -0.66 -13.28 -3.59
N GLY A 107 -0.51 -14.59 -3.48
CA GLY A 107 -1.02 -15.33 -2.33
C GLY A 107 -2.42 -15.91 -2.49
N TRP A 108 -3.07 -15.63 -3.61
CA TRP A 108 -4.44 -16.10 -3.83
C TRP A 108 -4.59 -17.61 -3.62
N ASP A 109 -3.59 -18.37 -4.07
CA ASP A 109 -3.67 -19.84 -4.08
C ASP A 109 -3.61 -20.45 -2.67
N THR A 110 -3.25 -19.65 -1.68
CA THR A 110 -3.29 -20.08 -0.27
C THR A 110 -4.74 -20.23 0.23
N TYR A 111 -5.62 -19.31 -0.16
CA TYR A 111 -6.99 -19.28 0.34
C TYR A 111 -8.06 -19.55 -0.72
N ILE A 112 -7.64 -19.73 -1.98
CA ILE A 112 -8.54 -20.01 -3.09
C ILE A 112 -8.21 -21.39 -3.64
N GLU A 113 -9.19 -22.28 -3.63
CA GLU A 113 -9.03 -23.63 -4.16
C GLU A 113 -8.87 -23.62 -5.68
N TYR A 114 -9.75 -22.89 -6.35
CA TYR A 114 -9.65 -22.72 -7.81
C TYR A 114 -10.22 -21.40 -8.27
N VAL A 115 -9.72 -20.95 -9.42
CA VAL A 115 -10.38 -19.92 -10.22
C VAL A 115 -10.63 -20.54 -11.60
N LYS A 116 -11.88 -20.46 -12.07
CA LYS A 116 -12.32 -21.22 -13.24
C LYS A 116 -13.18 -20.36 -14.17
N ALA A 117 -12.89 -20.39 -15.45
CA ALA A 117 -13.73 -19.75 -16.46
C ALA A 117 -14.89 -20.68 -16.77
N VAL A 118 -16.01 -20.50 -16.08
CA VAL A 118 -17.17 -21.36 -16.32
C VAL A 118 -17.94 -21.00 -17.58
N ASP A 119 -17.79 -19.75 -18.03
CA ASP A 119 -18.31 -19.29 -19.32
C ASP A 119 -17.46 -18.10 -19.75
N THR A 120 -17.62 -17.67 -20.99
CA THR A 120 -16.80 -16.58 -21.52
C THR A 120 -16.80 -15.35 -20.62
N LYS A 121 -17.96 -15.00 -20.07
CA LYS A 121 -18.11 -13.81 -19.23
C LYS A 121 -18.46 -14.16 -17.77
N VAL A 122 -18.11 -15.38 -17.33
CA VAL A 122 -18.41 -15.80 -15.96
C VAL A 122 -17.20 -16.52 -15.34
N VAL A 123 -16.65 -15.94 -14.27
CA VAL A 123 -15.54 -16.56 -13.55
C VAL A 123 -16.05 -17.05 -12.18
N GLU A 124 -15.61 -18.24 -11.77
CA GLU A 124 -15.99 -18.81 -10.48
C GLU A 124 -14.75 -19.00 -9.59
N PHE A 125 -14.85 -18.51 -8.36
CA PHE A 125 -13.83 -18.68 -7.33
C PHE A 125 -14.36 -19.63 -6.26
N LYS A 126 -13.52 -20.56 -5.83
CA LYS A 126 -13.88 -21.49 -4.77
C LYS A 126 -12.90 -21.30 -3.62
N ALA A 127 -13.42 -21.10 -2.42
CA ALA A 127 -12.58 -20.95 -1.22
C ALA A 127 -11.97 -22.29 -0.83
N LYS A 128 -10.73 -22.27 -0.34
CA LYS A 128 -10.16 -23.45 0.31
C LYS A 128 -10.84 -23.65 1.64
N GLU A 129 -11.26 -24.88 1.94
CA GLU A 129 -11.98 -25.19 3.18
C GLU A 129 -11.04 -25.56 4.33
N GLU A 130 -9.91 -26.17 4.00
CA GLU A 130 -8.90 -26.57 4.99
C GLU A 130 -8.57 -25.40 5.90
N ASN A 131 -8.23 -24.27 5.29
CA ASN A 131 -7.96 -23.03 6.01
C ASN A 131 -8.93 -21.94 5.57
N LEU A 132 -10.22 -22.28 5.53
CA LEU A 132 -11.25 -21.33 5.16
C LEU A 132 -10.98 -19.96 5.78
N ASN A 133 -10.97 -18.96 4.93
CA ASN A 133 -10.78 -17.57 5.34
C ASN A 133 -11.68 -16.70 4.49
N TYR A 134 -12.80 -16.28 5.06
CA TYR A 134 -13.80 -15.51 4.31
C TYR A 134 -13.30 -14.15 3.84
N PHE A 135 -12.45 -13.49 4.62
CA PHE A 135 -11.94 -12.19 4.21
C PHE A 135 -11.10 -12.33 2.94
N GLN A 136 -10.18 -13.29 2.94
CA GLN A 136 -9.28 -13.49 1.82
C GLN A 136 -10.02 -14.03 0.60
N PHE A 137 -11.00 -14.90 0.83
CA PHE A 137 -11.89 -15.37 -0.22
C PHE A 137 -12.52 -14.19 -0.96
N LEU A 138 -13.11 -13.27 -0.21
CA LEU A 138 -13.72 -12.07 -0.79
C LEU A 138 -12.69 -11.14 -1.41
N SER A 139 -11.57 -10.92 -0.72
CA SER A 139 -10.51 -10.03 -1.22
C SER A 139 -9.98 -10.46 -2.57
N TYR A 140 -9.60 -11.73 -2.70
CA TYR A 140 -8.98 -12.20 -3.92
C TYR A 140 -9.98 -12.36 -5.06
N SER A 141 -11.23 -12.63 -4.74
CA SER A 141 -12.26 -12.83 -5.76
CA SER A 141 -12.26 -12.84 -5.75
C SER A 141 -12.82 -11.51 -6.25
N LEU A 142 -13.38 -10.73 -5.34
CA LEU A 142 -14.00 -9.45 -5.68
C LEU A 142 -12.97 -8.48 -6.25
N GLY A 143 -11.77 -8.48 -5.67
CA GLY A 143 -10.69 -7.59 -6.11
C GLY A 143 -9.82 -8.12 -7.25
N ALA A 144 -10.19 -9.25 -7.85
CA ALA A 144 -9.39 -9.85 -8.92
C ALA A 144 -9.17 -8.89 -10.07
N GLN A 145 -7.94 -8.84 -10.54
CA GLN A 145 -7.53 -7.98 -11.63
C GLN A 145 -7.18 -8.87 -12.83
N PRO A 146 -8.00 -8.81 -13.89
CA PRO A 146 -7.63 -9.62 -15.05
C PRO A 146 -6.44 -9.00 -15.78
N MET A 147 -5.70 -9.83 -16.51
CA MET A 147 -4.62 -9.35 -17.34
C MET A 147 -4.79 -10.00 -18.72
N PRO A 148 -4.35 -9.30 -19.78
CA PRO A 148 -4.66 -9.74 -21.14
C PRO A 148 -3.90 -10.98 -21.55
N LYS A 149 -4.54 -12.14 -21.44
CA LYS A 149 -3.94 -13.42 -21.80
C LYS A 149 -3.33 -13.41 -23.20
N HIS A 150 -4.08 -12.87 -24.16
CA HIS A 150 -3.63 -12.87 -25.55
C HIS A 150 -2.34 -12.07 -25.76
N VAL A 151 -2.14 -11.05 -24.91
CA VAL A 151 -0.93 -10.23 -24.94
C VAL A 151 0.24 -10.97 -24.31
N TYR A 152 0.03 -11.47 -23.09
CA TYR A 152 1.11 -12.11 -22.33
C TYR A 152 1.58 -13.43 -22.93
N GLU A 153 0.70 -14.15 -23.61
CA GLU A 153 1.13 -15.38 -24.29
C GLU A 153 2.00 -15.09 -25.50
N ARG A 154 1.72 -13.99 -26.19
CA ARG A 154 2.57 -13.52 -27.30
C ARG A 154 3.95 -13.14 -26.77
N ILE A 155 3.99 -12.41 -25.66
CA ILE A 155 5.25 -11.99 -25.04
C ILE A 155 6.06 -13.20 -24.56
N ARG A 156 5.39 -14.15 -23.92
CA ARG A 156 6.06 -15.35 -23.40
C ARG A 156 6.73 -16.17 -24.51
N ALA A 157 6.16 -16.14 -25.71
CA ALA A 157 6.74 -16.82 -26.88
C ALA A 157 8.04 -16.15 -27.36
N GLN A 158 8.16 -14.84 -27.15
CA GLN A 158 9.32 -14.06 -27.60
C GLN A 158 10.44 -14.00 -26.57
N MET A 159 10.07 -13.97 -25.29
CA MET A 159 11.02 -13.58 -24.23
C MET A 159 10.55 -14.01 -22.85
N ASN A 160 11.38 -13.71 -21.84
CA ASN A 160 10.99 -13.81 -20.44
C ASN A 160 10.04 -12.66 -20.14
N ILE A 161 8.85 -12.99 -19.66
CA ILE A 161 7.85 -11.98 -19.29
C ILE A 161 8.42 -10.95 -18.32
N LYS A 162 9.31 -11.38 -17.42
CA LYS A 162 9.91 -10.47 -16.45
C LYS A 162 10.79 -9.36 -17.08
N ASP A 163 11.29 -9.60 -18.29
CA ASP A 163 12.10 -8.62 -19.02
C ASP A 163 11.31 -7.66 -19.90
N TRP A 164 10.02 -7.92 -20.07
CA TRP A 164 9.19 -7.13 -20.98
C TRP A 164 8.88 -5.76 -20.38
N ILE A 165 9.11 -4.70 -21.16
CA ILE A 165 8.94 -3.32 -20.71
CA ILE A 165 8.92 -3.33 -20.67
C ILE A 165 7.51 -2.80 -20.93
N ASN A 166 6.84 -3.32 -21.96
CA ASN A 166 5.50 -2.84 -22.35
C ASN A 166 5.47 -1.32 -22.52
N ASP A 167 6.41 -0.77 -23.28
CA ASP A 167 6.57 0.68 -23.39
C ASP A 167 6.20 1.28 -24.75
N LYS A 168 5.46 0.54 -25.57
CA LYS A 168 4.98 1.03 -26.85
C LYS A 168 3.54 1.55 -26.71
N PRO A 169 3.34 2.88 -26.69
CA PRO A 169 2.01 3.45 -26.48
C PRO A 169 0.90 2.86 -27.36
N GLU A 170 1.10 2.83 -28.67
CA GLU A 170 0.07 2.32 -29.59
C GLU A 170 -0.32 0.88 -29.28
N GLU A 171 0.66 0.07 -28.90
CA GLU A 171 0.47 -1.35 -28.68
C GLU A 171 0.02 -1.71 -27.25
N GLN A 172 0.12 -0.78 -26.30
CA GLN A 172 -0.28 -1.07 -24.92
C GLN A 172 -1.74 -1.48 -24.86
N VAL A 173 -2.00 -2.60 -24.23
CA VAL A 173 -3.34 -3.16 -24.12
C VAL A 173 -3.81 -3.03 -22.67
N VAL A 174 -4.79 -2.15 -22.44
CA VAL A 174 -5.19 -1.79 -21.09
C VAL A 174 -6.69 -1.95 -20.87
N SER A 175 -7.08 -2.14 -19.63
CA SER A 175 -8.49 -2.16 -19.24
C SER A 175 -8.94 -0.83 -18.63
N GLY A 176 -8.01 -0.01 -18.20
CA GLY A 176 -8.33 1.30 -17.63
C GLY A 176 -8.53 2.37 -18.67
N PRO A 177 -8.89 3.59 -18.22
CA PRO A 177 -9.15 4.72 -19.11
C PRO A 177 -7.91 5.50 -19.57
N TYR A 178 -6.71 5.05 -19.19
CA TYR A 178 -5.45 5.70 -19.59
C TYR A 178 -4.43 4.68 -20.05
N LYS A 179 -3.52 5.14 -20.91
CA LYS A 179 -2.35 4.37 -21.27
C LYS A 179 -1.18 5.32 -21.47
N LEU A 180 0.02 4.75 -21.57
CA LEU A 180 1.22 5.54 -21.74
C LEU A 180 1.14 6.36 -23.02
N TYR A 181 1.61 7.60 -22.95
CA TYR A 181 1.68 8.52 -24.10
C TYR A 181 3.12 8.84 -24.46
N TYR A 182 3.91 9.20 -23.45
CA TYR A 182 5.30 9.59 -23.65
C TYR A 182 6.08 9.47 -22.35
N TYR A 183 7.36 9.11 -22.45
CA TYR A 183 8.27 9.27 -21.32
C TYR A 183 9.72 9.49 -21.75
N ASP A 184 10.49 10.05 -20.83
CA ASP A 184 11.93 10.23 -20.98
C ASP A 184 12.51 10.32 -19.57
N PRO A 185 13.83 10.55 -19.43
CA PRO A 185 14.40 10.58 -18.09
C PRO A 185 13.84 11.64 -17.13
N ASN A 186 13.02 12.57 -17.62
CA ASN A 186 12.48 13.65 -16.80
C ASN A 186 10.95 13.72 -16.65
N ILE A 187 10.22 12.83 -17.31
CA ILE A 187 8.76 12.88 -17.26
C ILE A 187 8.13 11.55 -17.71
N VAL A 188 6.97 11.23 -17.13
CA VAL A 188 6.09 10.19 -17.64
C VAL A 188 4.72 10.83 -17.88
N VAL A 189 4.17 10.61 -19.07
CA VAL A 189 2.84 11.14 -19.43
C VAL A 189 1.91 10.02 -19.89
N TYR A 190 0.68 10.03 -19.36
CA TYR A 190 -0.41 9.15 -19.77
C TYR A 190 -1.45 9.95 -20.54
N GLN A 191 -2.12 9.29 -21.49
CA GLN A 191 -3.19 9.91 -22.25
C GLN A 191 -4.45 9.07 -22.14
N ARG A 192 -5.58 9.76 -22.03
CA ARG A 192 -6.88 9.14 -21.92
C ARG A 192 -7.19 8.30 -23.14
N VAL A 193 -7.83 7.16 -22.91
CA VAL A 193 -8.37 6.31 -23.96
C VAL A 193 -9.81 6.80 -24.19
N ASP A 194 -10.01 7.57 -25.26
CA ASP A 194 -11.31 8.21 -25.50
C ASP A 194 -12.43 7.23 -25.81
N ASP A 195 -12.10 6.12 -26.48
CA ASP A 195 -13.09 5.07 -26.75
C ASP A 195 -13.05 3.98 -25.68
N TRP A 196 -12.74 4.38 -24.44
CA TRP A 196 -12.68 3.45 -23.31
C TRP A 196 -13.99 2.69 -23.17
N TRP A 197 -13.89 1.39 -22.89
CA TRP A 197 -15.08 0.52 -22.84
C TRP A 197 -16.11 0.98 -21.80
N GLY A 198 -15.64 1.62 -20.74
CA GLY A 198 -16.51 2.01 -19.63
C GLY A 198 -17.25 3.32 -19.79
N LYS A 199 -17.11 3.96 -20.96
CA LYS A 199 -17.64 5.32 -21.14
C LYS A 199 -19.16 5.48 -20.94
N ASP A 200 -19.96 4.48 -21.31
CA ASP A 200 -21.43 4.54 -21.12
C ASP A 200 -21.91 4.13 -19.73
N ILE A 201 -21.00 3.61 -18.90
CA ILE A 201 -21.35 3.20 -17.55
C ILE A 201 -20.80 4.22 -16.55
N PHE A 202 -19.52 4.57 -16.71
CA PHE A 202 -18.80 5.42 -15.77
C PHE A 202 -18.52 6.84 -16.25
N GLY A 203 -18.79 7.12 -17.52
CA GLY A 203 -18.34 8.36 -18.15
C GLY A 203 -16.86 8.25 -18.47
N LEU A 204 -16.28 9.38 -18.86
CA LEU A 204 -14.84 9.48 -19.06
C LEU A 204 -14.20 10.29 -17.94
N PRO A 205 -12.93 9.97 -17.61
CA PRO A 205 -12.21 10.86 -16.69
C PRO A 205 -11.97 12.18 -17.39
N ARG A 206 -11.93 13.27 -16.63
CA ARG A 206 -11.95 14.60 -17.22
C ARG A 206 -10.60 15.04 -17.84
N PRO A 207 -9.47 14.72 -17.21
CA PRO A 207 -8.18 15.03 -17.86
C PRO A 207 -7.84 14.19 -19.10
N LYS A 208 -7.44 14.86 -20.18
CA LYS A 208 -6.90 14.17 -21.35
C LYS A 208 -5.50 13.60 -21.08
N TYR A 209 -4.68 14.34 -20.33
CA TYR A 209 -3.33 13.90 -20.02
C TYR A 209 -3.06 13.92 -18.51
N LEU A 210 -2.28 12.94 -18.06
CA LEU A 210 -1.71 12.93 -16.73
C LEU A 210 -0.20 12.97 -16.93
N ALA A 211 0.45 14.01 -16.41
CA ALA A 211 1.89 14.18 -16.59
C ALA A 211 2.57 14.24 -15.22
N HIS A 212 3.70 13.54 -15.10
CA HIS A 212 4.47 13.53 -13.86
C HIS A 212 5.94 13.81 -14.18
N VAL A 213 6.35 15.05 -13.94
CA VAL A 213 7.76 15.42 -14.04
C VAL A 213 8.47 14.70 -12.90
N ILE A 214 9.68 14.22 -13.18
CA ILE A 214 10.45 13.46 -12.18
C ILE A 214 11.35 14.44 -11.43
N TYR A 215 10.98 14.73 -10.20
CA TYR A 215 11.76 15.62 -9.33
C TYR A 215 12.72 14.80 -8.48
N LYS A 216 13.89 15.37 -8.21
CA LYS A 216 14.94 14.63 -7.50
C LYS A 216 14.64 14.51 -6.00
N ASP A 217 13.94 15.49 -5.44
CA ASP A 217 13.69 15.51 -4.00
C ASP A 217 12.43 16.30 -3.65
N ASN A 218 12.06 16.27 -2.38
CA ASN A 218 10.87 17.00 -1.91
C ASN A 218 10.97 18.50 -2.14
N PRO A 219 12.10 19.14 -1.76
CA PRO A 219 12.21 20.58 -2.01
C PRO A 219 11.92 21.00 -3.47
N SER A 220 12.46 20.27 -4.45
CA SER A 220 12.24 20.66 -5.85
C SER A 220 10.79 20.46 -6.28
N ALA A 221 10.18 19.37 -5.84
CA ALA A 221 8.75 19.14 -6.10
C ALA A 221 7.89 20.21 -5.45
N SER A 222 8.26 20.61 -4.24
CA SER A 222 7.55 21.65 -3.50
C SER A 222 7.60 22.99 -4.23
N LEU A 223 8.78 23.33 -4.75
CA LEU A 223 8.95 24.58 -5.50
C LEU A 223 8.04 24.58 -6.73
N ALA A 224 7.97 23.45 -7.44
CA ALA A 224 7.08 23.33 -8.59
C ALA A 224 5.60 23.50 -8.20
N PHE A 225 5.21 22.92 -7.07
CA PHE A 225 3.84 23.03 -6.55
C PHE A 225 3.51 24.50 -6.25
N GLU A 226 4.44 25.21 -5.63
CA GLU A 226 4.23 26.62 -5.30
C GLU A 226 4.11 27.51 -6.53
N ARG A 227 4.79 27.13 -7.62
CA ARG A 227 4.72 27.88 -8.87
C ARG A 227 3.44 27.63 -9.66
N GLY A 228 2.64 26.64 -9.27
CA GLY A 228 1.42 26.30 -10.00
C GLY A 228 1.61 25.20 -11.02
N ASP A 229 2.77 24.52 -10.99
CA ASP A 229 3.11 23.52 -12.00
C ASP A 229 2.72 22.07 -11.63
N ILE A 230 2.13 21.88 -10.45
CA ILE A 230 1.58 20.58 -10.03
C ILE A 230 0.13 20.78 -9.57
N ASP A 231 -0.78 20.01 -10.14
CA ASP A 231 -2.21 20.11 -9.80
C ASP A 231 -2.61 19.12 -8.72
N TRP A 232 -1.99 17.94 -8.75
CA TRP A 232 -2.37 16.80 -7.94
C TRP A 232 -1.10 16.24 -7.30
N ASN A 233 -0.95 16.47 -5.99
CA ASN A 233 0.32 16.23 -5.33
C ASN A 233 0.16 15.21 -4.21
N GLY A 234 1.17 14.37 -4.04
CA GLY A 234 1.20 13.35 -2.98
C GLY A 234 2.49 13.44 -2.21
N LEU A 235 2.81 14.66 -1.76
CA LEU A 235 4.12 15.00 -1.26
C LEU A 235 4.11 15.29 0.24
N PHE A 236 5.19 14.94 0.93
CA PHE A 236 5.46 15.54 2.22
C PHE A 236 5.86 16.98 1.98
N ILE A 237 5.19 17.90 2.67
CA ILE A 237 5.46 19.33 2.59
C ILE A 237 5.54 19.92 3.99
N PRO A 238 6.71 20.45 4.39
CA PRO A 238 6.82 21.14 5.68
C PRO A 238 5.91 22.36 5.74
N SER A 239 5.26 22.57 6.88
CA SER A 239 4.44 23.77 7.12
C SER A 239 3.42 24.01 5.99
N VAL A 240 2.67 22.95 5.65
CA VAL A 240 1.87 22.94 4.43
C VAL A 240 0.80 24.05 4.41
N TRP A 241 0.23 24.32 5.59
CA TRP A 241 -0.79 25.37 5.77
C TRP A 241 -0.36 26.77 5.29
N GLU A 242 0.95 27.05 5.28
CA GLU A 242 1.42 28.37 4.85
C GLU A 242 1.27 28.61 3.35
N LEU A 243 1.08 27.55 2.57
CA LEU A 243 0.89 27.69 1.13
C LEU A 243 -0.35 28.53 0.81
N TRP A 244 -1.42 28.35 1.59
CA TRP A 244 -2.65 29.12 1.41
C TRP A 244 -2.82 30.25 2.43
N GLU A 245 -2.33 30.05 3.65
CA GLU A 245 -2.47 31.06 4.71
C GLU A 245 -1.55 32.27 4.52
N LYS A 246 -0.28 32.01 4.20
CA LYS A 246 0.70 33.08 4.07
C LYS A 246 0.93 33.46 2.61
N LYS A 247 1.15 32.46 1.77
CA LYS A 247 1.50 32.70 0.37
C LYS A 247 0.27 32.95 -0.52
N GLY A 248 -0.91 32.68 0.00
CA GLY A 248 -2.18 32.96 -0.70
C GLY A 248 -2.36 32.21 -2.01
N LEU A 249 -1.75 31.02 -2.10
CA LEU A 249 -1.80 30.21 -3.32
C LEU A 249 -3.13 29.43 -3.36
N PRO A 250 -3.62 29.15 -4.58
CA PRO A 250 -4.88 28.41 -4.75
C PRO A 250 -4.64 26.91 -4.54
N VAL A 251 -4.33 26.54 -3.29
N VAL A 251 -4.29 26.53 -3.31
CA VAL A 251 -3.93 25.19 -2.94
CA VAL A 251 -3.97 25.15 -2.99
C VAL A 251 -4.72 24.71 -1.72
C VAL A 251 -4.70 24.71 -1.72
N GLY A 252 -4.95 23.41 -1.61
CA GLY A 252 -5.67 22.84 -0.49
C GLY A 252 -5.25 21.42 -0.15
N THR A 253 -5.74 20.96 0.98
CA THR A 253 -5.51 19.62 1.49
C THR A 253 -6.88 19.05 1.88
N TRP A 254 -6.93 17.79 2.32
CA TRP A 254 -8.18 17.20 2.77
C TRP A 254 -8.77 17.97 3.95
N TYR A 255 -7.95 18.18 4.98
CA TYR A 255 -8.32 19.02 6.13
C TYR A 255 -7.70 20.41 6.00
N LYS A 256 -8.50 21.44 6.27
CA LYS A 256 -8.00 22.82 6.27
C LYS A 256 -7.17 23.11 7.52
N LYS A 257 -7.45 22.38 8.61
CA LYS A 257 -6.72 22.50 9.86
C LYS A 257 -5.97 21.20 10.15
N GLU A 258 -5.16 21.20 11.20
CA GLU A 258 -4.37 20.02 11.54
C GLU A 258 -5.29 18.83 11.83
N PRO A 259 -4.85 17.61 11.47
CA PRO A 259 -3.54 17.21 10.96
C PRO A 259 -3.35 17.34 9.43
N TYR A 260 -4.30 17.97 8.74
CA TYR A 260 -4.20 18.28 7.28
C TYR A 260 -4.39 17.08 6.37
N PHE A 261 -3.96 15.91 6.82
CA PHE A 261 -4.00 14.68 6.02
C PHE A 261 -4.77 13.59 6.73
N ILE A 262 -5.56 12.84 5.96
CA ILE A 262 -6.17 11.61 6.46
C ILE A 262 -5.08 10.51 6.54
N PRO A 263 -5.31 9.47 7.35
CA PRO A 263 -4.28 8.45 7.51
C PRO A 263 -4.22 7.51 6.33
N ASP A 264 -3.01 7.08 5.96
CA ASP A 264 -2.84 6.09 4.91
C ASP A 264 -2.71 4.67 5.45
N GLY A 265 -1.87 4.52 6.47
CA GLY A 265 -1.53 3.19 6.94
C GLY A 265 -0.58 3.24 8.10
N VAL A 266 0.27 2.21 8.20
CA VAL A 266 1.24 2.10 9.28
C VAL A 266 2.65 2.07 8.69
N GLY A 267 3.47 3.03 9.10
CA GLY A 267 4.87 3.07 8.76
C GLY A 267 5.65 2.27 9.78
N PHE A 268 6.52 1.38 9.29
CA PHE A 268 7.34 0.51 10.11
C PHE A 268 8.81 0.85 10.02
N VAL A 269 9.53 0.59 11.11
CA VAL A 269 10.97 0.34 11.01
C VAL A 269 11.09 -1.18 10.82
N TYR A 270 11.31 -1.59 9.57
CA TYR A 270 11.51 -3.00 9.25
C TYR A 270 12.95 -3.37 9.56
N VAL A 271 13.10 -4.52 10.22
CA VAL A 271 14.41 -5.03 10.62
C VAL A 271 14.55 -6.42 10.02
N ASN A 272 15.56 -6.60 9.16
CA ASN A 272 15.71 -7.86 8.42
C ASN A 272 16.05 -9.02 9.37
N ASN A 273 15.11 -9.96 9.51
CA ASN A 273 15.28 -11.08 10.43
C ASN A 273 16.38 -12.08 10.02
N THR A 274 16.85 -12.00 8.77
CA THR A 274 17.85 -12.95 8.28
C THR A 274 19.30 -12.56 8.57
N LYS A 275 19.53 -11.32 9.01
CA LYS A 275 20.91 -10.84 9.22
C LYS A 275 21.37 -11.21 10.62
N PRO A 276 22.61 -11.71 10.77
CA PRO A 276 23.15 -11.92 12.10
C PRO A 276 23.00 -10.69 13.00
N GLY A 277 22.60 -10.92 14.24
CA GLY A 277 22.34 -9.85 15.20
C GLY A 277 20.90 -9.38 15.12
N LEU A 278 20.48 -8.92 13.93
CA LEU A 278 19.10 -8.50 13.72
C LEU A 278 18.12 -9.67 13.81
N SER A 279 18.63 -10.89 13.71
CA SER A 279 17.82 -12.11 13.86
C SER A 279 17.42 -12.42 15.32
N ASP A 280 18.01 -11.72 16.27
CA ASP A 280 17.70 -11.89 17.69
C ASP A 280 16.53 -10.97 18.09
N PRO A 281 15.41 -11.56 18.59
CA PRO A 281 14.29 -10.75 19.07
C PRO A 281 14.68 -9.69 20.11
N ALA A 282 15.68 -9.98 20.94
CA ALA A 282 16.15 -9.02 21.95
C ALA A 282 16.68 -7.75 21.30
N VAL A 283 17.44 -7.91 20.20
CA VAL A 283 17.98 -6.77 19.47
C VAL A 283 16.85 -5.95 18.84
N ARG A 284 15.87 -6.63 18.23
CA ARG A 284 14.71 -5.95 17.65
C ARG A 284 13.88 -5.20 18.70
N LYS A 285 13.72 -5.80 19.88
CA LYS A 285 13.05 -5.13 21.00
C LYS A 285 13.79 -3.90 21.48
N ALA A 286 15.11 -4.00 21.58
CA ALA A 286 15.96 -2.87 21.96
C ALA A 286 15.80 -1.73 20.96
N ILE A 287 15.79 -2.07 19.67
CA ILE A 287 15.59 -1.07 18.61
C ILE A 287 14.25 -0.33 18.81
N ALA A 288 13.20 -1.08 19.13
CA ALA A 288 11.87 -0.51 19.37
C ALA A 288 11.88 0.56 20.47
N TYR A 289 12.65 0.33 21.53
CA TYR A 289 12.74 1.28 22.64
C TYR A 289 13.65 2.49 22.34
N ALA A 290 14.49 2.38 21.31
CA ALA A 290 15.44 3.43 20.98
C ALA A 290 14.95 4.42 19.91
N ILE A 291 13.78 4.14 19.33
CA ILE A 291 13.20 5.05 18.33
C ILE A 291 12.62 6.26 19.06
N PRO A 292 13.07 7.48 18.72
CA PRO A 292 12.54 8.67 19.41
C PRO A 292 11.21 9.11 18.81
N TYR A 293 10.15 8.37 19.13
CA TYR A 293 8.85 8.52 18.46
C TYR A 293 8.36 9.96 18.44
N ASN A 294 8.25 10.56 19.62
CA ASN A 294 7.67 11.90 19.74
C ASN A 294 8.52 12.97 19.10
N GLU A 295 9.83 12.93 19.33
CA GLU A 295 10.70 13.95 18.78
C GLU A 295 10.78 13.90 17.25
N MET A 296 10.88 12.69 16.70
CA MET A 296 10.99 12.56 15.25
C MET A 296 9.66 12.91 14.56
N LEU A 297 8.53 12.56 15.18
CA LEU A 297 7.23 12.87 14.58
C LEU A 297 6.94 14.38 14.59
N LYS A 298 7.49 15.09 15.56
CA LYS A 298 7.36 16.55 15.59
C LYS A 298 8.32 17.24 14.60
N LYS A 299 9.61 16.95 14.74
CA LYS A 299 10.62 17.62 13.91
C LYS A 299 10.65 17.12 12.48
N ALA A 300 10.62 15.80 12.30
CA ALA A 300 10.71 15.22 10.96
C ALA A 300 9.36 15.17 10.25
N TYR A 301 8.29 14.86 10.98
CA TYR A 301 6.98 14.60 10.38
C TYR A 301 5.95 15.72 10.58
N PHE A 302 6.36 16.83 11.20
CA PHE A 302 5.50 18.00 11.39
C PHE A 302 4.12 17.71 12.00
N GLY A 303 4.04 16.68 12.84
CA GLY A 303 2.78 16.29 13.47
C GLY A 303 1.71 15.79 12.50
N TYR A 304 2.10 15.43 11.27
CA TYR A 304 1.15 14.94 10.26
C TYR A 304 0.65 13.50 10.53
N GLY A 305 1.26 12.84 11.49
CA GLY A 305 0.85 11.51 11.93
C GLY A 305 1.40 11.25 13.31
N SER A 306 0.78 10.31 14.03
CA SER A 306 1.12 10.02 15.40
C SER A 306 1.74 8.63 15.52
N GLN A 307 2.21 8.30 16.72
CA GLN A 307 2.87 7.03 16.95
C GLN A 307 1.89 5.87 16.79
N ALA A 308 2.34 4.81 16.14
CA ALA A 308 1.52 3.62 15.94
C ALA A 308 1.43 2.78 17.22
N HIS A 309 0.30 2.12 17.41
CA HIS A 309 0.16 1.14 18.47
C HIS A 309 0.93 -0.14 18.09
N PRO A 310 1.67 -0.74 19.03
CA PRO A 310 2.51 -1.89 18.65
C PRO A 310 1.74 -3.14 18.21
N SER A 311 0.44 -3.17 18.49
CA SER A 311 -0.45 -4.23 18.02
C SER A 311 -0.62 -4.25 16.50
N MET A 312 -0.22 -3.17 15.84
CA MET A 312 -0.39 -2.94 14.39
C MET A 312 -1.80 -2.52 14.02
N VAL A 313 -2.70 -2.45 15.00
CA VAL A 313 -4.06 -1.99 14.75
C VAL A 313 -4.07 -0.47 14.71
N ILE A 314 -4.82 0.09 13.76
CA ILE A 314 -4.90 1.54 13.58
C ILE A 314 -5.98 2.07 14.51
N ASP A 315 -5.58 2.49 15.71
CA ASP A 315 -6.55 2.90 16.72
C ASP A 315 -7.01 4.35 16.57
N LEU A 316 -6.70 4.95 15.42
CA LEU A 316 -7.28 6.23 15.01
C LEU A 316 -8.79 6.10 14.80
N PHE A 317 -9.24 4.89 14.51
CA PHE A 317 -10.66 4.63 14.27
C PHE A 317 -11.26 3.81 15.42
N GLU A 318 -12.29 4.36 16.07
CA GLU A 318 -12.89 3.74 17.25
C GLU A 318 -13.30 2.27 17.04
N PRO A 319 -13.94 1.96 15.90
CA PRO A 319 -14.35 0.57 15.66
C PRO A 319 -13.22 -0.48 15.60
N TYR A 320 -11.98 -0.03 15.42
CA TYR A 320 -10.84 -0.95 15.42
C TYR A 320 -10.30 -1.24 16.82
N LYS A 321 -10.64 -0.40 17.80
CA LYS A 321 -10.09 -0.55 19.17
C LYS A 321 -10.47 -1.89 19.84
N GLN A 322 -11.60 -2.48 19.44
CA GLN A 322 -12.02 -3.79 19.92
C GLN A 322 -11.03 -4.92 19.59
N TYR A 323 -10.19 -4.71 18.59
CA TYR A 323 -9.24 -5.74 18.14
C TYR A 323 -7.89 -5.64 18.84
N ILE A 324 -7.74 -4.66 19.74
CA ILE A 324 -6.50 -4.48 20.50
C ILE A 324 -6.66 -5.01 21.92
N ASP A 325 -5.75 -5.90 22.33
CA ASP A 325 -5.70 -6.34 23.72
C ASP A 325 -4.92 -5.28 24.48
N TYR A 326 -5.64 -4.28 24.99
CA TYR A 326 -4.99 -3.14 25.64
C TYR A 326 -4.32 -3.56 26.95
N GLU A 327 -4.93 -4.51 27.66
CA GLU A 327 -4.35 -5.00 28.90
C GLU A 327 -2.98 -5.64 28.68
N LEU A 328 -2.87 -6.47 27.63
CA LEU A 328 -1.59 -7.05 27.24
C LEU A 328 -0.56 -5.98 26.93
N ALA A 329 -0.92 -5.00 26.12
CA ALA A 329 0.01 -3.94 25.72
C ALA A 329 0.47 -3.09 26.92
N LYS A 330 -0.48 -2.75 27.80
CA LYS A 330 -0.20 -2.00 29.02
CA LYS A 330 -0.19 -1.99 29.01
C LYS A 330 0.75 -2.77 29.93
N LYS A 331 0.47 -4.07 30.08
CA LYS A 331 1.29 -4.96 30.91
C LYS A 331 2.72 -5.07 30.35
N THR A 332 2.83 -5.15 29.04
CA THR A 332 4.10 -5.37 28.36
C THR A 332 4.98 -4.12 28.33
N PHE A 333 4.39 -2.97 28.04
CA PHE A 333 5.14 -1.74 27.78
C PHE A 333 5.05 -0.66 28.87
N GLY A 334 4.11 -0.81 29.80
CA GLY A 334 4.05 0.05 31.00
C GLY A 334 3.45 1.43 30.79
N THR A 335 2.90 1.67 29.61
CA THR A 335 2.29 2.96 29.26
C THR A 335 0.78 2.87 29.35
N GLU A 336 0.13 4.02 29.36
CA GLU A 336 -1.32 4.08 29.57
C GLU A 336 -2.12 3.34 28.49
N ASP A 337 -1.68 3.45 27.24
CA ASP A 337 -2.36 2.79 26.12
C ASP A 337 -1.59 1.59 25.55
N GLY A 338 -0.42 1.31 26.11
CA GLY A 338 0.42 0.21 25.65
C GLY A 338 1.31 0.52 24.46
N ARG A 339 1.48 1.79 24.13
CA ARG A 339 2.46 2.20 23.13
C ARG A 339 3.85 2.05 23.70
N ILE A 340 4.82 1.80 22.83
CA ILE A 340 6.18 1.55 23.29
C ILE A 340 6.82 2.89 23.60
N PRO A 341 7.35 3.04 24.83
CA PRO A 341 7.99 4.31 25.18
C PRO A 341 9.38 4.42 24.57
N PHE A 342 9.79 5.64 24.23
CA PHE A 342 11.19 5.90 23.93
C PHE A 342 11.93 5.88 25.24
N ASP A 343 12.86 4.94 25.38
CA ASP A 343 13.56 4.73 26.66
C ASP A 343 14.89 4.01 26.41
N LEU A 344 15.96 4.78 26.30
CA LEU A 344 17.29 4.21 26.06
C LEU A 344 17.80 3.35 27.22
N ASP A 345 17.43 3.70 28.46
CA ASP A 345 17.79 2.86 29.61
C ASP A 345 17.25 1.45 29.41
N MET A 346 15.98 1.36 29.00
CA MET A 346 15.35 0.06 28.73
C MET A 346 16.01 -0.65 27.54
N ALA A 347 16.34 0.10 26.49
CA ALA A 347 17.02 -0.49 25.31
C ALA A 347 18.36 -1.10 25.71
N ASN A 348 19.16 -0.36 26.48
CA ASN A 348 20.44 -0.86 26.99
C ASN A 348 20.26 -2.07 27.91
N LYS A 349 19.25 -2.02 28.77
CA LYS A 349 18.96 -3.12 29.68
C LYS A 349 18.67 -4.42 28.92
N ILE A 350 17.84 -4.31 27.88
CA ILE A 350 17.48 -5.45 27.04
C ILE A 350 18.73 -6.08 26.43
N LEU A 351 19.62 -5.25 25.89
CA LEU A 351 20.87 -5.74 25.31
C LEU A 351 21.79 -6.34 26.37
N ASP A 352 21.92 -5.67 27.51
CA ASP A 352 22.72 -6.19 28.64
C ASP A 352 22.24 -7.57 29.06
N GLU A 353 20.93 -7.69 29.30
N GLU A 353 20.93 -7.67 29.30
CA GLU A 353 20.36 -8.95 29.75
CA GLU A 353 20.28 -8.92 29.71
C GLU A 353 20.43 -10.08 28.70
C GLU A 353 20.53 -10.05 28.72
N ALA A 354 20.53 -9.71 27.43
CA ALA A 354 20.73 -10.69 26.35
C ALA A 354 22.20 -11.07 26.13
N GLY A 355 23.11 -10.50 26.93
CA GLY A 355 24.52 -10.87 26.88
C GLY A 355 25.36 -10.09 25.87
N TYR A 356 24.83 -8.99 25.35
CA TYR A 356 25.58 -8.14 24.44
C TYR A 356 26.48 -7.19 25.21
N LYS A 357 27.79 -7.31 25.00
CA LYS A 357 28.77 -6.46 25.68
C LYS A 357 29.48 -5.56 24.68
N LYS A 358 29.61 -4.28 25.02
CA LYS A 358 30.30 -3.32 24.18
C LYS A 358 31.80 -3.65 24.14
N GLY A 359 32.35 -3.70 22.93
CA GLY A 359 33.80 -3.86 22.75
C GLY A 359 34.50 -2.52 22.82
N PRO A 360 35.81 -2.50 22.53
CA PRO A 360 36.61 -1.27 22.58
C PRO A 360 36.05 -0.12 21.73
N ASP A 361 35.53 -0.44 20.54
CA ASP A 361 34.95 0.58 19.65
C ASP A 361 33.51 0.99 20.02
N GLY A 362 32.97 0.44 21.10
CA GLY A 362 31.65 0.83 21.62
C GLY A 362 30.50 0.05 21.01
N VAL A 363 30.82 -0.85 20.08
CA VAL A 363 29.80 -1.67 19.43
C VAL A 363 29.60 -2.99 20.18
N ARG A 364 28.34 -3.39 20.32
CA ARG A 364 28.01 -4.58 21.08
C ARG A 364 28.38 -5.86 20.35
N VAL A 365 28.81 -6.85 21.14
CA VAL A 365 29.12 -8.18 20.64
C VAL A 365 28.35 -9.18 21.49
N GLY A 366 27.64 -10.08 20.83
CA GLY A 366 26.79 -11.04 21.53
C GLY A 366 27.57 -12.18 22.13
N PRO A 367 26.88 -13.01 22.92
CA PRO A 367 27.57 -14.12 23.59
C PRO A 367 28.08 -15.20 22.62
N ASP A 368 27.72 -15.11 21.34
CA ASP A 368 28.19 -16.05 20.31
C ASP A 368 29.39 -15.72 19.34
N GLY A 369 30.25 -14.71 19.50
CA GLY A 369 29.98 -13.30 19.53
C GLY A 369 29.82 -12.66 18.13
N THR A 370 28.56 -12.62 17.74
CA THR A 370 28.08 -11.80 16.67
C THR A 370 28.18 -10.32 17.03
N LYS A 371 28.83 -9.53 16.19
CA LYS A 371 28.90 -8.08 16.37
C LYS A 371 27.63 -7.43 15.83
N LEU A 372 27.09 -6.46 16.55
CA LEU A 372 25.89 -5.75 16.10
C LEU A 372 26.27 -4.61 15.16
N GLY A 373 26.73 -4.99 13.99
CA GLY A 373 27.08 -4.04 12.95
C GLY A 373 28.19 -4.59 12.08
N PRO A 374 28.51 -3.89 10.97
CA PRO A 374 27.88 -2.65 10.55
C PRO A 374 26.53 -2.89 9.87
N TYR A 375 25.59 -1.97 10.09
CA TYR A 375 24.29 -2.03 9.44
C TYR A 375 23.96 -0.69 8.80
N THR A 376 23.08 -0.70 7.80
CA THR A 376 22.48 0.53 7.29
C THR A 376 21.00 0.63 7.63
N ILE A 377 20.53 1.87 7.76
CA ILE A 377 19.09 2.15 7.69
C ILE A 377 18.89 3.03 6.45
N SER A 378 17.88 2.68 5.65
CA SER A 378 17.74 3.25 4.33
C SER A 378 16.30 3.59 3.96
N VAL A 379 16.14 4.71 3.28
CA VAL A 379 14.91 5.14 2.63
C VAL A 379 15.31 5.84 1.34
N PRO A 380 14.37 6.06 0.42
CA PRO A 380 14.74 6.71 -0.84
C PRO A 380 15.30 8.12 -0.66
N TYR A 381 16.33 8.45 -1.44
CA TYR A 381 16.85 9.81 -1.54
C TYR A 381 15.70 10.77 -1.88
N GLY A 382 15.67 11.91 -1.22
CA GLY A 382 14.68 12.94 -1.50
C GLY A 382 13.44 12.88 -0.64
N TRP A 383 13.24 11.75 0.05
CA TRP A 383 12.10 11.58 0.97
C TRP A 383 12.51 12.16 2.31
N THR A 384 12.55 13.50 2.35
CA THR A 384 13.28 14.22 3.38
C THR A 384 12.80 13.97 4.81
N ASP A 385 11.50 13.77 4.97
CA ASP A 385 10.93 13.43 6.27
C ASP A 385 11.43 12.10 6.80
N TRP A 386 11.37 11.06 5.96
CA TRP A 386 11.87 9.75 6.35
C TRP A 386 13.41 9.74 6.53
N MET A 387 14.12 10.52 5.73
CA MET A 387 15.57 10.62 5.85
C MET A 387 15.93 11.15 7.23
N MET A 388 15.22 12.19 7.67
CA MET A 388 15.47 12.78 8.97
C MET A 388 15.15 11.80 10.10
N MET A 389 14.03 11.09 9.99
CA MET A 389 13.71 10.03 10.95
C MET A 389 14.85 9.02 11.03
N CYS A 390 15.33 8.57 9.87
CA CYS A 390 16.44 7.60 9.83
C CYS A 390 17.68 8.09 10.57
N GLU A 391 18.02 9.37 10.39
CA GLU A 391 19.19 9.96 11.06
C GLU A 391 19.02 9.97 12.58
N MET A 392 17.82 10.30 13.03
CA MET A 392 17.53 10.35 14.45
C MET A 392 17.55 8.95 15.06
N ILE A 393 16.96 7.99 14.36
CA ILE A 393 16.95 6.61 14.81
C ILE A 393 18.38 6.04 14.84
N ALA A 394 19.13 6.23 13.74
CA ALA A 394 20.50 5.71 13.64
C ALA A 394 21.41 6.23 14.77
N LYS A 395 21.30 7.51 15.09
N LYS A 395 21.29 7.51 15.08
CA LYS A 395 22.12 8.08 16.16
CA LYS A 395 22.07 8.13 16.15
C LYS A 395 21.81 7.42 17.51
C LYS A 395 21.80 7.43 17.49
N ASN A 396 20.52 7.20 17.80
CA ASN A 396 20.13 6.53 19.04
C ASN A 396 20.62 5.08 19.08
N LEU A 397 20.58 4.40 17.93
CA LEU A 397 21.05 3.02 17.87
C LEU A 397 22.55 2.96 18.08
N ARG A 398 23.29 3.89 17.47
CA ARG A 398 24.74 3.97 17.71
C ARG A 398 25.05 4.21 19.19
N SER A 399 24.22 5.01 19.86
N SER A 399 24.21 4.98 19.88
CA SER A 399 24.40 5.31 21.29
CA SER A 399 24.45 5.31 21.29
C SER A 399 24.38 4.05 22.14
C SER A 399 24.32 4.08 22.20
N ILE A 400 23.46 3.14 21.82
CA ILE A 400 23.32 1.88 22.59
C ILE A 400 24.24 0.75 22.08
N GLY A 401 25.11 1.04 21.11
CA GLY A 401 26.10 0.07 20.64
C GLY A 401 25.66 -0.79 19.46
N ILE A 402 24.70 -0.29 18.68
CA ILE A 402 24.32 -0.93 17.42
C ILE A 402 24.82 -0.02 16.30
N ASP A 403 25.79 -0.51 15.53
CA ASP A 403 26.47 0.32 14.55
C ASP A 403 25.61 0.45 13.29
N VAL A 404 24.78 1.50 13.27
CA VAL A 404 23.86 1.78 12.16
C VAL A 404 24.17 3.15 11.57
N LYS A 405 24.32 3.20 10.25
CA LYS A 405 24.50 4.45 9.50
C LYS A 405 23.43 4.56 8.43
N THR A 406 23.05 5.79 8.09
CA THR A 406 22.04 6.00 7.07
C THR A 406 22.64 5.88 5.66
N GLU A 407 21.80 5.47 4.73
CA GLU A 407 22.14 5.37 3.33
C GLU A 407 20.88 5.66 2.54
N PHE A 408 20.93 6.62 1.61
CA PHE A 408 19.76 7.04 0.85
C PHE A 408 19.99 6.93 -0.66
N PRO A 409 19.79 5.74 -1.22
CA PRO A 409 19.98 5.60 -2.66
C PRO A 409 18.73 6.05 -3.42
N ASP A 410 18.81 6.07 -4.75
CA ASP A 410 17.64 6.34 -5.58
C ASP A 410 16.54 5.35 -5.24
N PHE A 411 15.29 5.81 -5.37
CA PHE A 411 14.14 4.97 -5.12
C PHE A 411 14.23 3.56 -5.70
N SER A 412 14.63 3.44 -6.96
N SER A 412 14.63 3.44 -6.96
CA SER A 412 14.68 2.15 -7.65
CA SER A 412 14.67 2.14 -7.62
C SER A 412 15.62 1.17 -6.94
C SER A 412 15.61 1.16 -6.92
N VAL A 413 16.75 1.67 -6.46
CA VAL A 413 17.73 0.87 -5.74
C VAL A 413 17.22 0.48 -4.35
N TRP A 414 16.67 1.46 -3.63
CA TRP A 414 16.00 1.19 -2.37
C TRP A 414 14.92 0.12 -2.48
N ALA A 415 14.07 0.25 -3.49
CA ALA A 415 12.97 -0.70 -3.69
C ALA A 415 13.51 -2.10 -3.99
N ASP A 416 14.57 -2.18 -4.78
CA ASP A 416 15.22 -3.46 -5.08
C ASP A 416 15.70 -4.13 -3.78
N ARG A 417 16.37 -3.36 -2.91
CA ARG A 417 16.90 -3.92 -1.67
C ARG A 417 15.81 -4.30 -0.67
N MET A 418 14.72 -3.53 -0.63
CA MET A 418 13.59 -3.85 0.23
C MET A 418 12.91 -5.13 -0.23
N THR A 419 12.49 -5.14 -1.48
CA THR A 419 11.73 -6.27 -2.00
C THR A 419 12.54 -7.58 -2.03
N LYS A 420 13.85 -7.47 -2.30
CA LYS A 420 14.74 -8.64 -2.29
C LYS A 420 15.27 -9.00 -0.90
N GLY A 421 14.96 -8.19 0.11
CA GLY A 421 15.38 -8.49 1.47
C GLY A 421 16.88 -8.47 1.68
N THR A 422 17.58 -7.62 0.95
CA THR A 422 19.03 -7.43 1.18
C THR A 422 19.35 -6.26 2.13
N PHE A 423 18.33 -5.49 2.49
CA PHE A 423 18.46 -4.41 3.48
C PHE A 423 18.77 -4.92 4.90
N ASP A 424 19.20 -4.02 5.78
CA ASP A 424 19.33 -4.30 7.21
C ASP A 424 18.15 -3.70 7.95
N LEU A 425 18.06 -2.38 7.96
CA LEU A 425 16.88 -1.66 8.43
C LEU A 425 16.38 -0.71 7.35
N ILE A 426 15.07 -0.52 7.30
CA ILE A 426 14.47 0.51 6.46
C ILE A 426 13.27 1.07 7.21
N ILE A 427 12.78 2.22 6.75
CA ILE A 427 11.40 2.62 7.05
C ILE A 427 10.62 2.31 5.79
N SER A 428 9.45 1.70 5.93
CA SER A 428 8.55 1.52 4.79
C SER A 428 7.11 1.42 5.27
N TRP A 429 6.20 1.30 4.30
CA TRP A 429 4.77 1.23 4.54
C TRP A 429 4.32 -0.22 4.80
N SER A 430 3.02 -0.40 4.97
CA SER A 430 2.45 -1.73 5.12
C SER A 430 1.08 -1.74 4.46
N VAL A 431 0.02 -1.68 5.25
CA VAL A 431 -1.35 -1.60 4.73
C VAL A 431 -2.11 -0.56 5.56
N GLY A 432 -3.35 -0.32 5.17
CA GLY A 432 -4.16 0.71 5.79
C GLY A 432 -5.50 0.23 6.32
N PRO A 433 -6.35 1.18 6.68
CA PRO A 433 -7.71 0.82 7.06
C PRO A 433 -8.41 0.08 5.90
N SER A 434 -9.17 -0.94 6.23
CA SER A 434 -9.89 -1.72 5.23
C SER A 434 -10.94 -2.59 5.91
N PHE A 435 -11.82 -3.18 5.11
CA PHE A 435 -12.90 -4.02 5.65
C PHE A 435 -12.37 -5.20 6.47
N ASP A 436 -11.15 -5.64 6.16
CA ASP A 436 -10.52 -6.80 6.80
C ASP A 436 -9.40 -6.42 7.77
N HIS A 437 -9.34 -5.15 8.19
CA HIS A 437 -8.34 -4.72 9.17
C HIS A 437 -8.74 -5.19 10.56
N PRO A 438 -7.78 -5.65 11.39
CA PRO A 438 -6.33 -5.80 11.19
C PRO A 438 -5.84 -7.12 10.57
N PHE A 439 -6.71 -8.01 10.11
CA PHE A 439 -6.21 -9.19 9.42
C PHE A 439 -5.24 -8.77 8.29
N ASN A 440 -5.59 -7.72 7.56
CA ASN A 440 -4.76 -7.31 6.42
C ASN A 440 -3.30 -7.01 6.77
N ILE A 441 -3.06 -6.37 7.92
CA ILE A 441 -1.71 -5.98 8.32
C ILE A 441 -0.92 -7.18 8.86
N TYR A 442 -1.57 -8.10 9.56
CA TYR A 442 -0.91 -9.31 10.03
C TYR A 442 -0.52 -10.19 8.83
N ARG A 443 -1.41 -10.28 7.86
CA ARG A 443 -1.15 -11.01 6.64
C ARG A 443 0.04 -10.38 5.89
N PHE A 444 0.01 -9.06 5.70
CA PHE A 444 1.05 -8.38 4.93
C PHE A 444 2.41 -8.40 5.62
N VAL A 445 2.45 -8.17 6.93
CA VAL A 445 3.72 -8.00 7.63
C VAL A 445 4.30 -9.32 8.16
N LEU A 446 3.46 -10.24 8.62
CA LEU A 446 3.91 -11.39 9.42
C LEU A 446 3.89 -12.73 8.71
N ASP A 447 3.33 -12.81 7.51
CA ASP A 447 3.06 -14.10 6.89
C ASP A 447 4.18 -14.54 5.94
N LYS A 448 4.94 -15.52 6.40
CA LYS A 448 6.04 -16.11 5.63
C LYS A 448 5.62 -16.56 4.23
N ARG A 449 4.35 -16.92 4.04
CA ARG A 449 3.89 -17.41 2.73
C ARG A 449 3.91 -16.33 1.64
N LEU A 450 3.90 -15.08 2.05
CA LEU A 450 3.96 -13.94 1.11
C LEU A 450 5.38 -13.45 0.88
N SER A 451 6.33 -13.91 1.69
CA SER A 451 7.72 -13.58 1.50
C SER A 451 8.33 -14.38 0.35
N LYS A 452 9.56 -14.03 0.02
CA LYS A 452 10.39 -14.81 -0.91
C LYS A 452 11.78 -14.92 -0.33
N PRO A 453 12.62 -15.83 -0.85
CA PRO A 453 14.00 -15.88 -0.42
C PRO A 453 14.70 -14.54 -0.62
N VAL A 454 15.67 -14.24 0.23
CA VAL A 454 16.53 -13.10 0.01
C VAL A 454 17.18 -13.24 -1.38
N GLY A 455 17.10 -12.17 -2.17
CA GLY A 455 17.57 -12.17 -3.56
C GLY A 455 16.43 -12.22 -4.55
N GLU A 456 15.24 -12.59 -4.08
CA GLU A 456 14.04 -12.66 -4.93
C GLU A 456 13.02 -11.61 -4.50
N VAL A 457 12.40 -10.97 -5.48
CA VAL A 457 11.47 -9.86 -5.23
C VAL A 457 10.13 -10.31 -4.63
N THR A 458 9.74 -9.71 -3.50
CA THR A 458 8.34 -9.74 -3.08
C THR A 458 7.79 -8.33 -2.85
N TRP A 459 6.67 -8.05 -3.52
CA TRP A 459 5.84 -6.90 -3.23
C TRP A 459 4.62 -7.34 -2.39
N ALA A 460 4.47 -8.65 -2.18
CA ALA A 460 3.28 -9.23 -1.56
C ALA A 460 3.27 -9.12 -0.04
N GLY A 461 4.45 -9.09 0.58
CA GLY A 461 4.51 -8.96 2.03
C GLY A 461 5.76 -9.52 2.67
N ASP A 462 5.89 -9.29 3.97
CA ASP A 462 6.94 -9.87 4.81
C ASP A 462 8.32 -9.61 4.22
N TRP A 463 8.59 -8.34 3.94
CA TRP A 463 9.89 -7.90 3.44
C TRP A 463 11.03 -8.28 4.38
N GLU A 464 10.74 -8.31 5.68
CA GLU A 464 11.75 -8.56 6.71
C GLU A 464 12.09 -10.05 6.84
N ARG A 465 11.39 -10.92 6.11
CA ARG A 465 11.62 -12.36 6.13
C ARG A 465 11.44 -12.93 7.55
N TYR A 466 10.41 -12.46 8.24
CA TYR A 466 9.96 -13.07 9.49
C TYR A 466 9.34 -14.43 9.19
N ASP A 467 9.69 -15.42 10.01
CA ASP A 467 9.26 -16.80 9.78
C ASP A 467 8.65 -17.36 11.07
N ASN A 468 7.33 -17.50 11.09
CA ASN A 468 6.64 -18.08 12.23
C ASN A 468 5.40 -18.89 11.81
N ASP A 469 5.42 -20.18 12.18
CA ASP A 469 4.36 -21.09 11.80
C ASP A 469 3.08 -20.93 12.61
N GLU A 470 3.18 -20.47 13.85
CA GLU A 470 1.98 -20.24 14.65
C GLU A 470 1.15 -19.08 14.08
N VAL A 471 1.82 -18.05 13.55
CA VAL A 471 1.11 -16.95 12.92
C VAL A 471 0.32 -17.46 11.71
N VAL A 472 0.94 -18.34 10.93
CA VAL A 472 0.25 -18.97 9.79
C VAL A 472 -1.01 -19.72 10.25
N GLU A 473 -0.89 -20.49 11.33
CA GLU A 473 -2.04 -21.23 11.89
C GLU A 473 -3.14 -20.28 12.35
N LEU A 474 -2.75 -19.17 12.97
CA LEU A 474 -3.70 -18.18 13.48
C LEU A 474 -4.39 -17.43 12.34
N LEU A 475 -3.65 -17.12 11.28
CA LEU A 475 -4.25 -16.47 10.10
C LEU A 475 -5.23 -17.40 9.40
N ASP A 476 -4.89 -18.69 9.36
CA ASP A 476 -5.78 -19.72 8.78
C ASP A 476 -7.08 -19.91 9.57
N LYS A 477 -7.07 -19.66 10.87
CA LYS A 477 -8.28 -19.88 11.68
C LYS A 477 -9.05 -18.62 12.04
N ALA A 478 -8.43 -17.44 11.87
CA ALA A 478 -9.04 -16.18 12.29
C ALA A 478 -10.42 -15.91 11.67
N VAL A 479 -10.60 -16.28 10.40
CA VAL A 479 -11.87 -16.00 9.70
C VAL A 479 -12.42 -17.26 9.02
N SER A 480 -12.29 -18.40 9.71
CA SER A 480 -12.95 -19.63 9.31
C SER A 480 -14.45 -19.58 9.59
N THR A 481 -14.84 -18.70 10.51
CA THR A 481 -16.25 -18.36 10.71
C THR A 481 -16.33 -16.84 10.79
N LEU A 482 -17.54 -16.30 10.74
CA LEU A 482 -17.73 -14.85 10.84
C LEU A 482 -17.98 -14.39 12.28
N ASP A 483 -17.99 -15.33 13.22
CA ASP A 483 -18.03 -15.01 14.66
C ASP A 483 -16.88 -14.06 14.99
N PRO A 484 -17.21 -12.80 15.35
CA PRO A 484 -16.15 -11.82 15.60
C PRO A 484 -15.22 -12.15 16.77
N GLU A 485 -15.67 -13.03 17.67
CA GLU A 485 -14.88 -13.43 18.83
C GLU A 485 -13.71 -14.34 18.44
N VAL A 486 -13.91 -15.18 17.44
CA VAL A 486 -12.86 -16.07 16.95
C VAL A 486 -11.72 -15.24 16.35
N ARG A 487 -12.10 -14.27 15.53
CA ARG A 487 -11.16 -13.32 14.94
C ARG A 487 -10.38 -12.57 16.01
N LYS A 488 -11.12 -12.03 16.97
CA LYS A 488 -10.54 -11.23 18.05
C LYS A 488 -9.48 -12.03 18.82
N GLN A 489 -9.80 -13.27 19.18
CA GLN A 489 -8.86 -14.08 19.95
C GLN A 489 -7.61 -14.44 19.12
N ALA A 490 -7.77 -14.62 17.81
CA ALA A 490 -6.63 -14.83 16.92
C ALA A 490 -5.74 -13.58 16.92
N TYR A 491 -6.36 -12.42 16.79
CA TYR A 491 -5.63 -11.14 16.81
C TYR A 491 -4.88 -10.95 18.14
N PHE A 492 -5.55 -11.27 19.23
CA PHE A 492 -4.97 -11.14 20.56
C PHE A 492 -3.72 -12.01 20.71
N ARG A 493 -3.77 -13.24 20.21
CA ARG A 493 -2.61 -14.14 20.28
C ARG A 493 -1.49 -13.68 19.34
N ILE A 494 -1.85 -13.17 18.16
CA ILE A 494 -0.84 -12.59 17.27
C ILE A 494 -0.10 -11.44 17.96
N GLN A 495 -0.84 -10.63 18.71
CA GLN A 495 -0.25 -9.51 19.45
C GLN A 495 0.77 -10.00 20.50
N GLN A 496 0.44 -11.08 21.21
CA GLN A 496 1.40 -11.72 22.14
C GLN A 496 2.69 -12.09 21.39
N ILE A 497 2.53 -12.66 20.21
CA ILE A 497 3.67 -13.08 19.38
C ILE A 497 4.48 -11.88 18.88
N ILE A 498 3.80 -10.82 18.43
CA ILE A 498 4.47 -9.58 18.02
C ILE A 498 5.34 -9.01 19.16
N TYR A 499 4.83 -8.96 20.37
CA TYR A 499 5.61 -8.38 21.48
C TYR A 499 6.77 -9.28 21.88
N ARG A 500 6.58 -10.59 21.79
CA ARG A 500 7.64 -11.56 22.06
C ARG A 500 8.77 -11.51 21.03
N ASP A 501 8.40 -11.39 19.75
CA ASP A 501 9.36 -11.54 18.66
C ASP A 501 9.81 -10.23 18.04
N MET A 502 9.06 -9.16 18.26
CA MET A 502 9.27 -7.87 17.55
C MET A 502 9.74 -8.07 16.10
N PRO A 503 8.90 -8.71 15.28
CA PRO A 503 9.27 -9.09 13.91
C PRO A 503 9.76 -7.88 13.11
N SER A 504 9.06 -6.77 13.31
CA SER A 504 9.48 -5.44 12.86
C SER A 504 8.64 -4.46 13.67
N ILE A 505 8.94 -3.17 13.61
CA ILE A 505 8.46 -2.22 14.61
C ILE A 505 7.44 -1.27 13.99
N PRO A 506 6.16 -1.37 14.40
CA PRO A 506 5.18 -0.37 13.98
C PRO A 506 5.54 0.94 14.63
N ALA A 507 5.74 2.00 13.84
CA ALA A 507 6.32 3.23 14.36
C ALA A 507 5.37 4.43 14.35
N PHE A 508 4.70 4.66 13.23
CA PHE A 508 3.82 5.83 13.08
C PHE A 508 2.72 5.55 12.08
N TYR A 509 1.61 6.28 12.19
CA TYR A 509 0.56 6.22 11.19
C TYR A 509 0.94 7.17 10.05
N THR A 510 1.18 6.59 8.89
CA THR A 510 1.59 7.35 7.72
C THR A 510 0.46 8.25 7.23
N ALA A 511 0.86 9.42 6.73
CA ALA A 511 -0.04 10.38 6.13
C ALA A 511 -0.38 10.00 4.70
N HIS A 512 -1.65 10.13 4.35
CA HIS A 512 -2.14 9.96 2.99
C HIS A 512 -1.85 11.27 2.28
N TRP A 513 -0.59 11.48 1.90
CA TRP A 513 -0.17 12.74 1.30
C TRP A 513 -1.07 13.09 0.13
N TYR A 514 -1.65 14.29 0.20
CA TYR A 514 -2.62 14.73 -0.78
C TYR A 514 -2.74 16.24 -0.68
N GLU A 515 -2.33 16.92 -1.75
CA GLU A 515 -2.55 18.35 -1.92
C GLU A 515 -3.02 18.59 -3.35
N TYR A 516 -3.74 19.68 -3.56
CA TYR A 516 -4.24 20.01 -4.89
C TYR A 516 -4.15 21.50 -5.15
N SER A 517 -4.09 21.85 -6.43
CA SER A 517 -4.20 23.23 -6.90
C SER A 517 -5.55 23.38 -7.61
N THR A 518 -6.23 24.51 -7.38
CA THR A 518 -7.52 24.76 -8.02
C THR A 518 -7.40 25.67 -9.26
N LYS A 519 -6.19 25.89 -9.74
CA LYS A 519 -5.96 26.82 -10.84
C LYS A 519 -6.57 26.35 -12.15
N TYR A 520 -6.45 25.06 -12.44
CA TYR A 520 -6.97 24.47 -13.67
C TYR A 520 -8.02 23.40 -13.45
N TRP A 521 -8.02 22.78 -12.27
CA TRP A 521 -8.89 21.66 -11.94
C TRP A 521 -9.61 21.95 -10.63
N ILE A 522 -10.91 21.66 -10.59
CA ILE A 522 -11.75 21.95 -9.43
C ILE A 522 -12.50 20.71 -8.97
N ASN A 523 -13.15 20.82 -7.82
CA ASN A 523 -13.94 19.75 -7.20
C ASN A 523 -13.09 18.59 -6.70
N TRP A 524 -11.90 18.94 -6.22
CA TRP A 524 -11.02 17.94 -5.61
C TRP A 524 -11.70 17.39 -4.36
N PRO A 525 -11.63 16.07 -4.16
CA PRO A 525 -12.11 15.56 -2.89
C PRO A 525 -11.44 16.24 -1.69
N SER A 526 -12.22 16.43 -0.62
CA SER A 526 -11.72 17.06 0.61
C SER A 526 -12.75 16.84 1.72
N GLU A 527 -12.47 17.34 2.92
CA GLU A 527 -13.43 17.29 4.03
C GLU A 527 -14.79 17.91 3.65
N ASP A 528 -14.76 18.95 2.83
CA ASP A 528 -15.97 19.64 2.37
C ASP A 528 -16.63 18.97 1.16
N ASN A 529 -15.86 18.16 0.43
CA ASN A 529 -16.36 17.39 -0.73
C ASN A 529 -15.86 15.94 -0.65
N PRO A 530 -16.32 15.17 0.36
CA PRO A 530 -15.74 13.85 0.63
C PRO A 530 -16.17 12.76 -0.35
N ALA A 531 -15.97 13.01 -1.65
CA ALA A 531 -16.51 12.15 -2.70
C ALA A 531 -15.71 10.85 -2.89
N TRP A 532 -14.43 10.88 -2.53
CA TRP A 532 -13.56 9.71 -2.62
C TRP A 532 -12.48 9.82 -1.53
N PHE A 533 -12.32 8.76 -0.74
CA PHE A 533 -11.51 8.80 0.47
C PHE A 533 -10.06 8.34 0.27
N ARG A 534 -9.71 7.90 -0.95
CA ARG A 534 -8.31 7.58 -1.30
C ARG A 534 -7.84 8.40 -2.51
N PRO A 535 -7.83 9.73 -2.37
CA PRO A 535 -7.46 10.59 -3.49
C PRO A 535 -5.96 10.81 -3.77
N SER A 536 -5.07 10.28 -2.94
CA SER A 536 -3.63 10.49 -3.17
C SER A 536 -3.20 9.88 -4.50
N PRO A 537 -2.44 10.63 -5.32
CA PRO A 537 -2.12 10.16 -6.67
C PRO A 537 -1.31 8.85 -6.73
N TRP A 538 -0.58 8.53 -5.67
CA TRP A 538 0.14 7.26 -5.61
C TRP A 538 -0.66 6.09 -5.04
N HIS A 539 -1.86 6.35 -4.50
CA HIS A 539 -2.60 5.27 -3.87
C HIS A 539 -3.12 4.27 -4.91
N ALA A 540 -3.11 2.99 -4.55
CA ALA A 540 -3.59 1.93 -5.43
C ALA A 540 -5.01 2.21 -5.94
N ASP A 541 -5.79 2.88 -5.10
CA ASP A 541 -7.21 3.09 -5.34
C ASP A 541 -7.55 4.54 -5.70
N ALA A 542 -6.59 5.26 -6.30
CA ALA A 542 -6.75 6.68 -6.62
C ALA A 542 -7.73 7.00 -7.75
N TRP A 543 -7.96 6.05 -8.65
CA TRP A 543 -8.53 6.40 -9.97
C TRP A 543 -9.88 7.17 -9.99
N PRO A 544 -10.83 6.86 -9.07
CA PRO A 544 -12.08 7.63 -9.16
C PRO A 544 -11.90 9.15 -9.02
N THR A 545 -10.83 9.60 -8.39
CA THR A 545 -10.54 11.03 -8.29
C THR A 545 -10.64 11.74 -9.64
N LEU A 546 -10.17 11.07 -10.70
CA LEU A 546 -10.09 11.66 -12.03
C LEU A 546 -11.46 11.77 -12.71
N PHE A 547 -12.44 11.04 -12.20
CA PHE A 547 -13.81 11.15 -12.66
C PHE A 547 -14.58 12.22 -11.90
N ILE A 548 -14.08 12.57 -10.72
CA ILE A 548 -14.76 13.52 -9.82
C ILE A 548 -14.40 14.98 -10.14
N ILE A 549 -13.12 15.24 -10.41
CA ILE A 549 -12.64 16.59 -10.74
C ILE A 549 -13.16 17.07 -12.11
N SER A 550 -13.26 18.40 -12.27
CA SER A 550 -13.63 19.02 -13.54
C SER A 550 -12.60 20.08 -13.94
N LYS A 551 -12.56 20.39 -15.24
CA LYS A 551 -11.82 21.57 -15.70
C LYS A 551 -12.53 22.80 -15.11
N LYS A 552 -11.74 23.78 -14.65
CA LYS A 552 -12.32 25.00 -14.09
C LYS A 552 -13.30 25.63 -15.10
N SER A 553 -12.91 25.62 -16.38
CA SER A 553 -13.71 26.23 -17.45
C SER A 553 -14.83 25.34 -17.99
N ASP A 554 -14.98 24.13 -17.44
CA ASP A 554 -16.00 23.19 -17.91
C ASP A 554 -16.47 22.29 -16.75
N PRO A 555 -17.10 22.88 -15.72
CA PRO A 555 -17.55 22.13 -14.56
C PRO A 555 -18.65 21.11 -14.87
N GLN A 556 -18.47 19.88 -14.36
CA GLN A 556 -19.41 18.79 -14.60
C GLN A 556 -19.96 18.30 -13.27
N PRO A 557 -21.12 17.61 -13.29
CA PRO A 557 -21.67 17.13 -12.02
C PRO A 557 -20.91 15.91 -11.50
N VAL A 558 -21.21 15.51 -10.27
CA VAL A 558 -20.60 14.34 -9.68
C VAL A 558 -21.03 13.13 -10.50
N PRO A 559 -20.09 12.19 -10.76
CA PRO A 559 -20.51 10.98 -11.47
C PRO A 559 -21.70 10.31 -10.79
N SER A 560 -22.73 9.98 -11.56
CA SER A 560 -23.98 9.47 -10.97
C SER A 560 -23.87 8.06 -10.42
N TRP A 561 -22.83 7.33 -10.84
CA TRP A 561 -22.57 5.99 -10.33
C TRP A 561 -22.00 5.97 -8.91
N LEU A 562 -21.44 7.09 -8.45
CA LEU A 562 -20.85 7.15 -7.11
C LEU A 562 -21.92 7.08 -6.02
N GLY A 563 -21.62 6.35 -4.96
CA GLY A 563 -22.55 6.17 -3.85
C GLY A 563 -23.07 4.75 -3.82
N THR A 564 -23.57 4.35 -2.65
CA THR A 564 -24.15 3.03 -2.51
C THR A 564 -25.48 2.97 -3.26
N VAL A 565 -25.96 1.75 -3.49
CA VAL A 565 -27.23 1.52 -4.18
C VAL A 565 -28.38 2.25 -3.51
N ASP A 566 -28.42 2.23 -2.17
CA ASP A 566 -29.45 2.96 -1.42
C ASP A 566 -29.31 4.48 -1.56
N GLU A 567 -28.09 4.97 -1.71
CA GLU A 567 -27.83 6.41 -1.92
C GLU A 567 -28.12 6.88 -3.35
N GLY A 568 -28.20 5.94 -4.31
CA GLY A 568 -28.48 6.28 -5.70
C GLY A 568 -27.36 6.03 -6.69
N GLY A 569 -26.28 5.39 -6.23
CA GLY A 569 -25.20 4.97 -7.12
C GLY A 569 -25.25 3.47 -7.33
N ILE A 570 -24.11 2.90 -7.70
CA ILE A 570 -24.03 1.47 -8.01
C ILE A 570 -23.19 0.66 -7.01
N GLU A 571 -22.74 1.30 -5.94
CA GLU A 571 -21.82 0.62 -5.03
C GLU A 571 -22.56 -0.29 -4.04
N ILE A 572 -21.98 -1.47 -3.84
CA ILE A 572 -22.54 -2.49 -2.97
C ILE A 572 -21.85 -2.44 -1.61
N PRO A 573 -22.61 -2.14 -0.53
CA PRO A 573 -22.02 -2.16 0.81
C PRO A 573 -21.38 -3.48 1.18
N THR A 574 -20.27 -3.43 1.89
CA THR A 574 -19.64 -4.64 2.41
C THR A 574 -20.62 -5.48 3.24
N ALA A 575 -21.44 -4.83 4.05
CA ALA A 575 -22.44 -5.52 4.87
C ALA A 575 -23.40 -6.36 4.02
N LYS A 576 -23.78 -5.84 2.85
CA LYS A 576 -24.64 -6.58 1.91
C LYS A 576 -23.95 -7.83 1.37
N ILE A 577 -22.66 -7.72 1.07
CA ILE A 577 -21.90 -8.87 0.58
C ILE A 577 -21.85 -9.98 1.65
N PHE A 578 -21.59 -9.60 2.91
CA PHE A 578 -21.58 -10.57 4.01
C PHE A 578 -22.98 -11.11 4.32
N GLU A 579 -24.01 -10.28 4.12
CA GLU A 579 -25.40 -10.72 4.25
C GLU A 579 -25.68 -11.82 3.23
N ASP A 580 -25.25 -11.60 1.98
CA ASP A 580 -25.42 -12.58 0.91
C ASP A 580 -24.62 -13.86 1.15
N LEU A 581 -23.43 -13.72 1.73
CA LEU A 581 -22.57 -14.86 2.04
C LEU A 581 -23.23 -15.76 3.09
N GLN A 582 -23.69 -15.16 4.18
CA GLN A 582 -24.32 -15.91 5.28
C GLN A 582 -25.60 -16.59 4.80
N LYS A 583 -26.39 -15.88 3.99
CA LYS A 583 -27.63 -16.40 3.43
C LYS A 583 -27.40 -17.62 2.53
N ALA A 584 -26.24 -17.68 1.88
CA ALA A 584 -25.88 -18.78 0.99
C ALA A 584 -25.28 -20.00 1.72
N THR A 585 -25.11 -19.90 3.04
CA THR A 585 -24.51 -20.98 3.83
C THR A 585 -25.45 -22.19 3.95
#